data_288D
# 
_entry.id   288D 
# 
_audit_conform.dict_name       mmcif_pdbx.dic 
_audit_conform.dict_version    5.387 
_audit_conform.dict_location   http://mmcif.pdb.org/dictionaries/ascii/mmcif_pdbx.dic 
# 
loop_
_database_2.database_id 
_database_2.database_code 
_database_2.pdbx_database_accession 
_database_2.pdbx_DOI 
PDB   288D         pdb_0000288d 10.2210/pdb288d/pdb 
RCSB  DDF065       ?            ?                   
WWPDB D_1000177700 ?            ?                   
# 
loop_
_pdbx_audit_revision_history.ordinal 
_pdbx_audit_revision_history.data_content_type 
_pdbx_audit_revision_history.major_revision 
_pdbx_audit_revision_history.minor_revision 
_pdbx_audit_revision_history.revision_date 
1 'Structure model' 1 0 1996-09-16 
2 'Structure model' 1 1 2008-05-22 
3 'Structure model' 1 2 2011-07-13 
4 'Structure model' 1 3 2024-02-14 
# 
_pdbx_audit_revision_details.ordinal             1 
_pdbx_audit_revision_details.revision_ordinal    1 
_pdbx_audit_revision_details.data_content_type   'Structure model' 
_pdbx_audit_revision_details.provider            repository 
_pdbx_audit_revision_details.type                'Initial release' 
_pdbx_audit_revision_details.description         ? 
_pdbx_audit_revision_details.details             ? 
# 
loop_
_pdbx_audit_revision_group.ordinal 
_pdbx_audit_revision_group.revision_ordinal 
_pdbx_audit_revision_group.data_content_type 
_pdbx_audit_revision_group.group 
1 2 'Structure model' 'Version format compliance' 
2 3 'Structure model' 'Version format compliance' 
3 4 'Structure model' 'Data collection'           
4 4 'Structure model' 'Database references'       
5 4 'Structure model' 'Derived calculations'      
# 
loop_
_pdbx_audit_revision_category.ordinal 
_pdbx_audit_revision_category.revision_ordinal 
_pdbx_audit_revision_category.data_content_type 
_pdbx_audit_revision_category.category 
1 4 'Structure model' chem_comp_atom 
2 4 'Structure model' chem_comp_bond 
3 4 'Structure model' database_2     
4 4 'Structure model' struct_site    
# 
loop_
_pdbx_audit_revision_item.ordinal 
_pdbx_audit_revision_item.revision_ordinal 
_pdbx_audit_revision_item.data_content_type 
_pdbx_audit_revision_item.item 
1 4 'Structure model' '_database_2.pdbx_DOI'                
2 4 'Structure model' '_database_2.pdbx_database_accession' 
3 4 'Structure model' '_struct_site.pdbx_auth_asym_id'      
4 4 'Structure model' '_struct_site.pdbx_auth_comp_id'      
5 4 'Structure model' '_struct_site.pdbx_auth_seq_id'       
# 
_pdbx_database_status.status_code                     REL 
_pdbx_database_status.entry_id                        288D 
_pdbx_database_status.recvd_initial_deposition_date   1996-07-22 
_pdbx_database_status.deposit_site                    NDB 
_pdbx_database_status.process_site                    NDB 
_pdbx_database_status.SG_entry                        . 
_pdbx_database_status.pdb_format_compatible           Y 
_pdbx_database_status.status_code_mr                  ? 
_pdbx_database_status.status_code_sf                  ? 
_pdbx_database_status.status_code_cs                  ? 
_pdbx_database_status.status_code_nmr_data            ? 
_pdbx_database_status.methods_development_category    ? 
# 
loop_
_audit_author.name 
_audit_author.pdbx_ordinal 
'Gao, Y.-G.'    1 
'Priebe, W.'    2 
'Wang, A.H.-J.' 3 
# 
_citation.id                        primary 
_citation.title                     
;Substitutions at C2' of daunosamine in the anticancer drug daunorubicin alter its DNA-binding sequence specificity.
;
_citation.journal_abbrev            Eur.J.Biochem. 
_citation.journal_volume            240 
_citation.page_first                331 
_citation.page_last                 335 
_citation.year                      1996 
_citation.journal_id_ASTM           EJBCAI 
_citation.country                   IX 
_citation.journal_id_ISSN           0014-2956 
_citation.journal_id_CSD            0262 
_citation.book_publisher            ? 
_citation.pdbx_database_id_PubMed   8841395 
_citation.pdbx_database_id_DOI      10.1111/j.1432-1033.1996.0331h.x 
# 
loop_
_citation_author.citation_id 
_citation_author.name 
_citation_author.ordinal 
_citation_author.identifier_ORCID 
primary 'Gao, Y.G.'  1 ? 
primary 'Priebe, W.' 2 ? 
primary 'Wang, A.H.' 3 ? 
# 
loop_
_entity.id 
_entity.type 
_entity.src_method 
_entity.pdbx_description 
_entity.formula_weight 
_entity.pdbx_number_of_molecules 
_entity.pdbx_ec 
_entity.pdbx_mutation 
_entity.pdbx_fragment 
_entity.details 
1 polymer     syn 
;DNA (5'-D(*CP*GP*TP*AP*CP*G)-3')
;
1809.217 1  ? ? ? ? 
2 non-polymer syn "2'-BROMO-4'-EPIDAUNORUBICIN"      606.416  1  ? ? ? ? 
3 water       nat water                              18.015   46 ? ? ? ? 
# 
_entity_poly.entity_id                      1 
_entity_poly.type                           polydeoxyribonucleotide 
_entity_poly.nstd_linkage                   no 
_entity_poly.nstd_monomer                   no 
_entity_poly.pdbx_seq_one_letter_code       '(DC)(DG)(DT)(DA)(DC)(DG)' 
_entity_poly.pdbx_seq_one_letter_code_can   CGTACG 
_entity_poly.pdbx_strand_id                 A 
_entity_poly.pdbx_target_identifier         ? 
# 
loop_
_pdbx_entity_nonpoly.entity_id 
_pdbx_entity_nonpoly.name 
_pdbx_entity_nonpoly.comp_id 
2 "2'-BROMO-4'-EPIDAUNORUBICIN" DM8 
3 water                         HOH 
# 
loop_
_entity_poly_seq.entity_id 
_entity_poly_seq.num 
_entity_poly_seq.mon_id 
_entity_poly_seq.hetero 
1 1 DC n 
1 2 DG n 
1 3 DT n 
1 4 DA n 
1 5 DC n 
1 6 DG n 
# 
loop_
_chem_comp.id 
_chem_comp.type 
_chem_comp.mon_nstd_flag 
_chem_comp.name 
_chem_comp.pdbx_synonyms 
_chem_comp.formula 
_chem_comp.formula_weight 
DA  'DNA linking' y "2'-DEOXYADENOSINE-5'-MONOPHOSPHATE" ?                                                       'C10 H14 N5 O6 P' 
331.222 
DC  'DNA linking' y "2'-DEOXYCYTIDINE-5'-MONOPHOSPHATE"  ?                                                       'C9 H14 N3 O7 P' 
307.197 
DG  'DNA linking' y "2'-DEOXYGUANOSINE-5'-MONOPHOSPHATE" ?                                                       'C10 H14 N5 O7 P' 
347.221 
DM8 non-polymer   . "2'-BROMO-4'-EPIDAUNORUBICIN"        'WP401; DAUNOMYCIN DERIVATIVE; DAUNORUBICIN DERIVATIVE' 
'C27 H28 Br N O10' 606.416 
DT  'DNA linking' y "THYMIDINE-5'-MONOPHOSPHATE"         ?                                                       'C10 H15 N2 O8 P' 
322.208 
HOH non-polymer   . WATER                                ?                                                       'H2 O' 18.015  
# 
loop_
_pdbx_poly_seq_scheme.asym_id 
_pdbx_poly_seq_scheme.entity_id 
_pdbx_poly_seq_scheme.seq_id 
_pdbx_poly_seq_scheme.mon_id 
_pdbx_poly_seq_scheme.ndb_seq_num 
_pdbx_poly_seq_scheme.pdb_seq_num 
_pdbx_poly_seq_scheme.auth_seq_num 
_pdbx_poly_seq_scheme.pdb_mon_id 
_pdbx_poly_seq_scheme.auth_mon_id 
_pdbx_poly_seq_scheme.pdb_strand_id 
_pdbx_poly_seq_scheme.pdb_ins_code 
_pdbx_poly_seq_scheme.hetero 
A 1 1 DC 1 1 1 DC C A . n 
A 1 2 DG 2 2 2 DG G A . n 
A 1 3 DT 3 3 3 DT T A . n 
A 1 4 DA 4 4 4 DA A A . n 
A 1 5 DC 5 5 5 DC C A . n 
A 1 6 DG 6 6 6 DG G A . n 
# 
loop_
_pdbx_nonpoly_scheme.asym_id 
_pdbx_nonpoly_scheme.entity_id 
_pdbx_nonpoly_scheme.mon_id 
_pdbx_nonpoly_scheme.ndb_seq_num 
_pdbx_nonpoly_scheme.pdb_seq_num 
_pdbx_nonpoly_scheme.auth_seq_num 
_pdbx_nonpoly_scheme.pdb_mon_id 
_pdbx_nonpoly_scheme.auth_mon_id 
_pdbx_nonpoly_scheme.pdb_strand_id 
_pdbx_nonpoly_scheme.pdb_ins_code 
B 2 DM8 1  7  7  DM8 DM8 A . 
C 3 HOH 1  8  8  HOH HOH A . 
C 3 HOH 2  9  9  HOH HOH A . 
C 3 HOH 3  10 10 HOH HOH A . 
C 3 HOH 4  11 11 HOH HOH A . 
C 3 HOH 5  12 12 HOH HOH A . 
C 3 HOH 6  13 13 HOH HOH A . 
C 3 HOH 7  14 14 HOH HOH A . 
C 3 HOH 8  15 15 HOH HOH A . 
C 3 HOH 9  16 16 HOH HOH A . 
C 3 HOH 10 17 17 HOH HOH A . 
C 3 HOH 11 18 18 HOH HOH A . 
C 3 HOH 12 19 19 HOH HOH A . 
C 3 HOH 13 20 20 HOH HOH A . 
C 3 HOH 14 21 21 HOH HOH A . 
C 3 HOH 15 22 22 HOH HOH A . 
C 3 HOH 16 23 23 HOH HOH A . 
C 3 HOH 17 24 24 HOH HOH A . 
C 3 HOH 18 25 25 HOH HOH A . 
C 3 HOH 19 26 26 HOH HOH A . 
C 3 HOH 20 27 27 HOH HOH A . 
C 3 HOH 21 28 28 HOH HOH A . 
C 3 HOH 22 29 29 HOH HOH A . 
C 3 HOH 23 30 30 HOH HOH A . 
C 3 HOH 24 31 31 HOH HOH A . 
C 3 HOH 25 32 32 HOH HOH A . 
C 3 HOH 26 33 33 HOH HOH A . 
C 3 HOH 27 34 34 HOH HOH A . 
C 3 HOH 28 35 35 HOH HOH A . 
C 3 HOH 29 36 36 HOH HOH A . 
C 3 HOH 30 37 37 HOH HOH A . 
C 3 HOH 31 38 38 HOH HOH A . 
C 3 HOH 32 39 39 HOH HOH A . 
C 3 HOH 33 40 40 HOH HOH A . 
C 3 HOH 34 41 41 HOH HOH A . 
C 3 HOH 35 42 42 HOH HOH A . 
C 3 HOH 36 43 43 HOH HOH A . 
C 3 HOH 37 44 44 HOH HOH A . 
C 3 HOH 38 45 45 HOH HOH A . 
C 3 HOH 39 46 46 HOH HOH A . 
C 3 HOH 40 47 47 HOH HOH A . 
C 3 HOH 41 48 48 HOH HOH A . 
C 3 HOH 42 49 49 HOH HOH A . 
C 3 HOH 43 50 50 HOH HOH A . 
C 3 HOH 44 51 51 HOH HOH A . 
C 3 HOH 45 52 52 HOH HOH A . 
C 3 HOH 46 53 53 HOH HOH A . 
# 
loop_
_software.name 
_software.classification 
_software.version 
_software.citation_id 
_software.pdbx_ordinal 
MSC    'data collection' . ? 1 
NUCLSQ refinement        . ? 2 
MSC    'data reduction'  . ? 3 
# 
_cell.entry_id           288D 
_cell.length_a           28.042 
_cell.length_b           28.042 
_cell.length_c           53.363 
_cell.angle_alpha        90.00 
_cell.angle_beta         90.00 
_cell.angle_gamma        90.00 
_cell.Z_PDB              8 
_cell.pdbx_unique_axis   ? 
# 
_symmetry.entry_id                         288D 
_symmetry.space_group_name_H-M             'P 41 21 2' 
_symmetry.pdbx_full_space_group_name_H-M   ? 
_symmetry.cell_setting                     ? 
_symmetry.Int_Tables_number                92 
# 
_exptl.entry_id          288D 
_exptl.method            'X-RAY DIFFRACTION' 
_exptl.crystals_number   ? 
# 
_exptl_crystal.id                    1 
_exptl_crystal.density_meas          ? 
_exptl_crystal.density_percent_sol   55.70 
_exptl_crystal.density_Matthews      2.78 
_exptl_crystal.description           ? 
# 
_exptl_crystal_grow.crystal_id      1 
_exptl_crystal_grow.method          'VAPOR DIFFUSION' 
_exptl_crystal_grow.temp            298.00 
_exptl_crystal_grow.temp_details    'ROOM TEMPERATURE' 
_exptl_crystal_grow.pH              6.00 
_exptl_crystal_grow.pdbx_details    'pH 6.00, VAPOR DIFFUSION, temperature 298.00K' 
_exptl_crystal_grow.pdbx_pH_range   . 
# 
loop_
_exptl_crystal_grow_comp.crystal_id 
_exptl_crystal_grow_comp.id 
_exptl_crystal_grow_comp.sol_id 
_exptl_crystal_grow_comp.name 
_exptl_crystal_grow_comp.volume 
_exptl_crystal_grow_comp.conc 
_exptl_crystal_grow_comp.details 
1 1 1 WATER           ? ? ? 
1 2 1 MPD             ? ? ? 
1 3 1 BACL2           ? ? ? 
1 4 1 'NA CACODYLATE' ? ? ? 
1 5 1 SPERMINE        ? ? ? 
1 6 2 WATER           ? ? ? 
1 7 2 MPD             ? ? ? 
# 
_diffrn.id                     1 
_diffrn.ambient_temp           293.00 
_diffrn.ambient_temp_details   ? 
_diffrn.crystal_id             1 
# 
_diffrn_detector.diffrn_id              1 
_diffrn_detector.detector               'IMAGE PLATE' 
_diffrn_detector.type                   'RIGAKU RAXIS IIC' 
_diffrn_detector.pdbx_collection_date   1995-07-17 
_diffrn_detector.details                ? 
# 
_diffrn_radiation.diffrn_id                        1 
_diffrn_radiation.wavelength_id                    1 
_diffrn_radiation.pdbx_monochromatic_or_laue_m_l   M 
_diffrn_radiation.monochromator                    ? 
_diffrn_radiation.pdbx_diffrn_protocol             'SINGLE WAVELENGTH' 
_diffrn_radiation.pdbx_scattering_type             x-ray 
# 
_diffrn_radiation_wavelength.id           1 
_diffrn_radiation_wavelength.wavelength   . 
_diffrn_radiation_wavelength.wt           1.0 
# 
_diffrn_source.diffrn_id                   1 
_diffrn_source.source                      'ROTATING ANODE' 
_diffrn_source.type                        'RIGAKU RU200' 
_diffrn_source.pdbx_synchrotron_site       ? 
_diffrn_source.pdbx_synchrotron_beamline   ? 
_diffrn_source.pdbx_wavelength             ? 
_diffrn_source.pdbx_wavelength_list        ? 
# 
_reflns.entry_id                     288D 
_reflns.observed_criterion_sigma_I   ? 
_reflns.observed_criterion_sigma_F   ? 
_reflns.d_resolution_low             ? 
_reflns.d_resolution_high            ? 
_reflns.number_obs                   ? 
_reflns.number_all                   ? 
_reflns.percent_possible_obs         ? 
_reflns.pdbx_Rmerge_I_obs            0.062 
_reflns.pdbx_Rsym_value              ? 
_reflns.pdbx_netI_over_sigmaI        ? 
_reflns.B_iso_Wilson_estimate        ? 
_reflns.pdbx_redundancy              4.000 
_reflns.R_free_details               ? 
_reflns.pdbx_diffrn_id               1 
_reflns.pdbx_ordinal                 1 
# 
_refine.entry_id                                 288D 
_refine.ls_number_reflns_obs                     1929 
_refine.ls_number_reflns_all                     ? 
_refine.pdbx_ls_sigma_I                          ? 
_refine.pdbx_ls_sigma_F                          4.000 
_refine.pdbx_data_cutoff_high_absF               ? 
_refine.pdbx_data_cutoff_low_absF                ? 
_refine.pdbx_data_cutoff_high_rms_absF           ? 
_refine.ls_d_res_low                             10.000 
_refine.ls_d_res_high                            1.800 
_refine.ls_percent_reflns_obs                    ? 
_refine.ls_R_factor_obs                          0.205 
_refine.ls_R_factor_all                          ? 
_refine.ls_R_factor_R_work                       ? 
_refine.ls_R_factor_R_free                       ? 
_refine.ls_R_factor_R_free_error                 ? 
_refine.ls_R_factor_R_free_error_details         ? 
_refine.ls_percent_reflns_R_free                 ? 
_refine.ls_number_reflns_R_free                  ? 
_refine.ls_number_parameters                     ? 
_refine.ls_number_restraints                     ? 
_refine.occupancy_min                            ? 
_refine.occupancy_max                            ? 
_refine.B_iso_mean                               ? 
_refine.aniso_B[1][1]                            ? 
_refine.aniso_B[2][2]                            ? 
_refine.aniso_B[3][3]                            ? 
_refine.aniso_B[1][2]                            ? 
_refine.aniso_B[1][3]                            ? 
_refine.aniso_B[2][3]                            ? 
_refine.solvent_model_details                    ? 
_refine.solvent_model_param_ksol                 ? 
_refine.solvent_model_param_bsol                 ? 
_refine.pdbx_ls_cross_valid_method               ? 
_refine.details                                  ? 
_refine.pdbx_starting_model                      ? 
_refine.pdbx_method_to_determine_struct          ? 
_refine.pdbx_isotropic_thermal_model             ? 
_refine.pdbx_stereochemistry_target_values       ? 
_refine.pdbx_stereochem_target_val_spec_case     ? 
_refine.pdbx_R_Free_selection_details            ? 
_refine.pdbx_overall_ESU_R                       ? 
_refine.pdbx_overall_ESU_R_Free                  ? 
_refine.overall_SU_ML                            ? 
_refine.overall_SU_B                             ? 
_refine.ls_redundancy_reflns_obs                 ? 
_refine.correlation_coeff_Fo_to_Fc               ? 
_refine.correlation_coeff_Fo_to_Fc_free          ? 
_refine.pdbx_solvent_vdw_probe_radii             ? 
_refine.pdbx_solvent_ion_probe_radii             ? 
_refine.pdbx_solvent_shrinkage_radii             ? 
_refine.overall_SU_R_Cruickshank_DPI             ? 
_refine.overall_SU_R_free                        ? 
_refine.pdbx_refine_id                           'X-RAY DIFFRACTION' 
_refine.pdbx_diffrn_id                           1 
_refine.pdbx_TLS_residual_ADP_flag               ? 
_refine.pdbx_overall_phase_error                 ? 
_refine.pdbx_overall_SU_R_free_Cruickshank_DPI   ? 
_refine.pdbx_overall_SU_R_Blow_DPI               ? 
_refine.pdbx_overall_SU_R_free_Blow_DPI          ? 
# 
_refine_hist.pdbx_refine_id                   'X-RAY DIFFRACTION' 
_refine_hist.cycle_id                         LAST 
_refine_hist.pdbx_number_atoms_protein        0 
_refine_hist.pdbx_number_atoms_nucleic_acid   120 
_refine_hist.pdbx_number_atoms_ligand         39 
_refine_hist.number_atoms_solvent             46 
_refine_hist.number_atoms_total               205 
_refine_hist.d_res_high                       1.800 
_refine_hist.d_res_low                        10.000 
# 
loop_
_refine_ls_restr.type 
_refine_ls_restr.dev_ideal 
_refine_ls_restr.dev_ideal_target 
_refine_ls_restr.weight 
_refine_ls_restr.number 
_refine_ls_restr.pdbx_refine_id 
_refine_ls_restr.pdbx_restraint_function 
n_bond_d               0.020 ? ? ? 'X-RAY DIFFRACTION' ? 
n_angle_d              ?     ? ? ? 'X-RAY DIFFRACTION' ? 
n_planar_d             ?     ? ? ? 'X-RAY DIFFRACTION' ? 
n_hb_or_metal_coord    ?     ? ? ? 'X-RAY DIFFRACTION' ? 
n_sugar_bond_it        ?     ? ? ? 'X-RAY DIFFRACTION' ? 
n_sugar_angle_it       ?     ? ? ? 'X-RAY DIFFRACTION' ? 
n_phos_bond_it         ?     ? ? ? 'X-RAY DIFFRACTION' ? 
n_phos_angle_it        ?     ? ? ? 'X-RAY DIFFRACTION' ? 
n_bond_angle_restr     ?     ? ? ? 'X-RAY DIFFRACTION' ? 
n_dihedral_angle_restr ?     ? ? ? 'X-RAY DIFFRACTION' ? 
n_impr_tor             ?     ? ? ? 'X-RAY DIFFRACTION' ? 
n_sugar_bond_d         ?     ? ? ? 'X-RAY DIFFRACTION' ? 
n_sugar_bond_angle_d   ?     ? ? ? 'X-RAY DIFFRACTION' ? 
n_phos_bond_d          ?     ? ? ? 'X-RAY DIFFRACTION' ? 
n_phos_bond_angle_d    ?     ? ? ? 'X-RAY DIFFRACTION' ? 
n_plane_restr          ?     ? ? ? 'X-RAY DIFFRACTION' ? 
n_chiral_restr         ?     ? ? ? 'X-RAY DIFFRACTION' ? 
n_singtor_nbd          ?     ? ? ? 'X-RAY DIFFRACTION' ? 
n_multtor_nbd          ?     ? ? ? 'X-RAY DIFFRACTION' ? 
n_xhyhbond_nbd         ?     ? ? ? 'X-RAY DIFFRACTION' ? 
# 
_struct.entry_id                  288D 
_struct.title                     
;SUBSTITUTIONS AT C2' OF DAUNOSAMINE IN THE ANTICANCER DAUNORUBICIN ALTER ITS DNA-BINDING SEQUENCE SPECIFICITY
;
_struct.pdbx_model_details        ? 
_struct.pdbx_CASP_flag            ? 
_struct.pdbx_model_type_details   ? 
# 
_struct_keywords.entry_id        288D 
_struct_keywords.pdbx_keywords   DNA 
_struct_keywords.text            'RIGHT HANDED DNA, DOUBLE HELIX, COMPLEXED WITH DRUG, DNA' 
# 
loop_
_struct_asym.id 
_struct_asym.pdbx_blank_PDB_chainid_flag 
_struct_asym.pdbx_modified 
_struct_asym.entity_id 
_struct_asym.details 
A N N 1 ? 
B N N 2 ? 
C N N 3 ? 
# 
_struct_ref.id                         1 
_struct_ref.entity_id                  1 
_struct_ref.db_name                    PDB 
_struct_ref.db_code                    288D 
_struct_ref.pdbx_db_accession          288D 
_struct_ref.pdbx_db_isoform            ? 
_struct_ref.pdbx_seq_one_letter_code   ? 
_struct_ref.pdbx_align_begin           ? 
# 
_struct_ref_seq.align_id                      1 
_struct_ref_seq.ref_id                        1 
_struct_ref_seq.pdbx_PDB_id_code              288D 
_struct_ref_seq.pdbx_strand_id                A 
_struct_ref_seq.seq_align_beg                 1 
_struct_ref_seq.pdbx_seq_align_beg_ins_code   ? 
_struct_ref_seq.seq_align_end                 6 
_struct_ref_seq.pdbx_seq_align_end_ins_code   ? 
_struct_ref_seq.pdbx_db_accession             288D 
_struct_ref_seq.db_align_beg                  1 
_struct_ref_seq.pdbx_db_align_beg_ins_code    ? 
_struct_ref_seq.db_align_end                  6 
_struct_ref_seq.pdbx_db_align_end_ins_code    ? 
_struct_ref_seq.pdbx_auth_seq_align_beg       1 
_struct_ref_seq.pdbx_auth_seq_align_end       6 
# 
_pdbx_struct_assembly.id                   1 
_pdbx_struct_assembly.details              author_defined_assembly 
_pdbx_struct_assembly.method_details       ? 
_pdbx_struct_assembly.oligomeric_details   dimeric 
_pdbx_struct_assembly.oligomeric_count     2 
# 
_pdbx_struct_assembly_gen.assembly_id       1 
_pdbx_struct_assembly_gen.oper_expression   1,2 
_pdbx_struct_assembly_gen.asym_id_list      A,B,C 
# 
loop_
_pdbx_struct_oper_list.id 
_pdbx_struct_oper_list.type 
_pdbx_struct_oper_list.name 
_pdbx_struct_oper_list.symmetry_operation 
_pdbx_struct_oper_list.matrix[1][1] 
_pdbx_struct_oper_list.matrix[1][2] 
_pdbx_struct_oper_list.matrix[1][3] 
_pdbx_struct_oper_list.vector[1] 
_pdbx_struct_oper_list.matrix[2][1] 
_pdbx_struct_oper_list.matrix[2][2] 
_pdbx_struct_oper_list.matrix[2][3] 
_pdbx_struct_oper_list.vector[2] 
_pdbx_struct_oper_list.matrix[3][1] 
_pdbx_struct_oper_list.matrix[3][2] 
_pdbx_struct_oper_list.matrix[3][3] 
_pdbx_struct_oper_list.vector[3] 
1 'identity operation'         1_555 x,y,z            1.0000000000  0.0000000000  0.0000000000 0.0000000000  0.0000000000  1.0000000000 0.0000000000  0.0000000000 0.0000000000 0.0000000000  1.0000000000  0.0000000000 
2 'crystal symmetry operation' 8_665 -y+1,-x+1,-z+1/2 -0.4815124680 -0.8279863472 0.2873749328 -0.3957781960 -0.8279863472 0.3222331278 -0.4589165721 1.9111105391 0.2873749328 -0.4589165721 -0.8407206598 6.2203737719 
# 
_struct_biol.id                    1 
_struct_biol.pdbx_parent_biol_id   ? 
_struct_biol.details               ? 
# 
loop_
_struct_conn.id 
_struct_conn.conn_type_id 
_struct_conn.pdbx_leaving_atom_flag 
_struct_conn.pdbx_PDB_id 
_struct_conn.ptnr1_label_asym_id 
_struct_conn.ptnr1_label_comp_id 
_struct_conn.ptnr1_label_seq_id 
_struct_conn.ptnr1_label_atom_id 
_struct_conn.pdbx_ptnr1_label_alt_id 
_struct_conn.pdbx_ptnr1_PDB_ins_code 
_struct_conn.pdbx_ptnr1_standard_comp_id 
_struct_conn.ptnr1_symmetry 
_struct_conn.ptnr2_label_asym_id 
_struct_conn.ptnr2_label_comp_id 
_struct_conn.ptnr2_label_seq_id 
_struct_conn.ptnr2_label_atom_id 
_struct_conn.pdbx_ptnr2_label_alt_id 
_struct_conn.pdbx_ptnr2_PDB_ins_code 
_struct_conn.ptnr1_auth_asym_id 
_struct_conn.ptnr1_auth_comp_id 
_struct_conn.ptnr1_auth_seq_id 
_struct_conn.ptnr2_auth_asym_id 
_struct_conn.ptnr2_auth_comp_id 
_struct_conn.ptnr2_auth_seq_id 
_struct_conn.ptnr2_symmetry 
_struct_conn.pdbx_ptnr3_label_atom_id 
_struct_conn.pdbx_ptnr3_label_seq_id 
_struct_conn.pdbx_ptnr3_label_comp_id 
_struct_conn.pdbx_ptnr3_label_asym_id 
_struct_conn.pdbx_ptnr3_label_alt_id 
_struct_conn.pdbx_ptnr3_PDB_ins_code 
_struct_conn.details 
_struct_conn.pdbx_dist_value 
_struct_conn.pdbx_value_order 
_struct_conn.pdbx_role 
hydrog1  hydrog ? ? A DC 1 N3 ? ? ? 1_555 A DG 6 N1 ? ? A DC 1 A DG 6 8_665 ? ? ? ? ? ? WATSON-CRICK ? ? ? 
hydrog2  hydrog ? ? A DC 1 N4 ? ? ? 1_555 A DG 6 O6 ? ? A DC 1 A DG 6 8_665 ? ? ? ? ? ? WATSON-CRICK ? ? ? 
hydrog3  hydrog ? ? A DC 1 O2 ? ? ? 1_555 A DG 6 N2 ? ? A DC 1 A DG 6 8_665 ? ? ? ? ? ? WATSON-CRICK ? ? ? 
hydrog4  hydrog ? ? A DG 2 N1 ? ? ? 1_555 A DC 5 N3 ? ? A DG 2 A DC 5 8_665 ? ? ? ? ? ? WATSON-CRICK ? ? ? 
hydrog5  hydrog ? ? A DG 2 N2 ? ? ? 1_555 A DC 5 O2 ? ? A DG 2 A DC 5 8_665 ? ? ? ? ? ? WATSON-CRICK ? ? ? 
hydrog6  hydrog ? ? A DG 2 O6 ? ? ? 1_555 A DC 5 N4 ? ? A DG 2 A DC 5 8_665 ? ? ? ? ? ? WATSON-CRICK ? ? ? 
hydrog7  hydrog ? ? A DT 3 N3 ? ? ? 1_555 A DA 4 N1 ? ? A DT 3 A DA 4 8_665 ? ? ? ? ? ? WATSON-CRICK ? ? ? 
hydrog8  hydrog ? ? A DT 3 O4 ? ? ? 1_555 A DA 4 N6 ? ? A DT 3 A DA 4 8_665 ? ? ? ? ? ? WATSON-CRICK ? ? ? 
hydrog9  hydrog ? ? A DA 4 N1 ? ? ? 1_555 A DT 3 N3 ? ? A DA 4 A DT 3 8_665 ? ? ? ? ? ? WATSON-CRICK ? ? ? 
hydrog10 hydrog ? ? A DA 4 N6 ? ? ? 1_555 A DT 3 O4 ? ? A DA 4 A DT 3 8_665 ? ? ? ? ? ? WATSON-CRICK ? ? ? 
hydrog11 hydrog ? ? A DC 5 N3 ? ? ? 1_555 A DG 2 N1 ? ? A DC 5 A DG 2 8_665 ? ? ? ? ? ? WATSON-CRICK ? ? ? 
hydrog12 hydrog ? ? A DC 5 N4 ? ? ? 1_555 A DG 2 O6 ? ? A DC 5 A DG 2 8_665 ? ? ? ? ? ? WATSON-CRICK ? ? ? 
hydrog13 hydrog ? ? A DC 5 O2 ? ? ? 1_555 A DG 2 N2 ? ? A DC 5 A DG 2 8_665 ? ? ? ? ? ? WATSON-CRICK ? ? ? 
hydrog14 hydrog ? ? A DG 6 N1 ? ? ? 1_555 A DC 1 N3 ? ? A DG 6 A DC 1 8_665 ? ? ? ? ? ? WATSON-CRICK ? ? ? 
hydrog15 hydrog ? ? A DG 6 N2 ? ? ? 1_555 A DC 1 O2 ? ? A DG 6 A DC 1 8_665 ? ? ? ? ? ? WATSON-CRICK ? ? ? 
hydrog16 hydrog ? ? A DG 6 O6 ? ? ? 1_555 A DC 1 N4 ? ? A DG 6 A DC 1 8_665 ? ? ? ? ? ? WATSON-CRICK ? ? ? 
# 
_struct_conn_type.id          hydrog 
_struct_conn_type.criteria    ? 
_struct_conn_type.reference   ? 
# 
loop_
_struct_site.id 
_struct_site.pdbx_evidence_code 
_struct_site.pdbx_auth_asym_id 
_struct_site.pdbx_auth_comp_id 
_struct_site.pdbx_auth_seq_id 
_struct_site.pdbx_auth_ins_code 
_struct_site.pdbx_num_residues 
_struct_site.details 
AC1                 Software A DM8 7 ? 10 'BINDING SITE FOR RESIDUE DM8 A 7' 
'DRUG BINDING SITE' ?        ? ?   ? ? ?  ?                                  
# 
loop_
_struct_site_gen.id 
_struct_site_gen.site_id 
_struct_site_gen.pdbx_num_res 
_struct_site_gen.label_comp_id 
_struct_site_gen.label_asym_id 
_struct_site_gen.label_seq_id 
_struct_site_gen.pdbx_auth_ins_code 
_struct_site_gen.auth_comp_id 
_struct_site_gen.auth_asym_id 
_struct_site_gen.auth_seq_id 
_struct_site_gen.label_atom_id 
_struct_site_gen.label_alt_id 
_struct_site_gen.symmetry 
_struct_site_gen.details 
1  AC1 10 DC  A 1 ? DC  A 1  . ? 8_665 ? 
2  AC1 10 DG  A 2 ? DG  A 2  . ? 8_665 ? 
3  AC1 10 DT  A 3 ? DT  A 3  . ? 8_665 ? 
4  AC1 10 DC  A 5 ? DC  A 5  . ? 1_555 ? 
5  AC1 10 DG  A 6 ? DG  A 6  . ? 1_555 ? 
6  AC1 10 HOH C . ? HOH A 11 . ? 1_555 ? 
7  AC1 10 HOH C . ? HOH A 17 . ? 1_555 ? 
8  AC1 10 HOH C . ? HOH A 19 . ? 1_555 ? 
9  AC1 10 HOH C . ? HOH A 22 . ? 1_555 ? 
10 AC1 10 HOH C . ? HOH A 33 . ? 1_555 ? 
# 
loop_
_pdbx_validate_rmsd_bond.id 
_pdbx_validate_rmsd_bond.PDB_model_num 
_pdbx_validate_rmsd_bond.auth_atom_id_1 
_pdbx_validate_rmsd_bond.auth_asym_id_1 
_pdbx_validate_rmsd_bond.auth_comp_id_1 
_pdbx_validate_rmsd_bond.auth_seq_id_1 
_pdbx_validate_rmsd_bond.PDB_ins_code_1 
_pdbx_validate_rmsd_bond.label_alt_id_1 
_pdbx_validate_rmsd_bond.auth_atom_id_2 
_pdbx_validate_rmsd_bond.auth_asym_id_2 
_pdbx_validate_rmsd_bond.auth_comp_id_2 
_pdbx_validate_rmsd_bond.auth_seq_id_2 
_pdbx_validate_rmsd_bond.PDB_ins_code_2 
_pdbx_validate_rmsd_bond.label_alt_id_2 
_pdbx_validate_rmsd_bond.bond_value 
_pdbx_validate_rmsd_bond.bond_target_value 
_pdbx_validate_rmsd_bond.bond_deviation 
_pdbx_validate_rmsd_bond.bond_standard_deviation 
_pdbx_validate_rmsd_bond.linker_flag 
1 1 P     A DT 3 ? ? "O5'" A DT 3 ? ? 1.656 1.593 0.063  0.010 N 
2 1 "C2'" A DT 3 ? ? "C1'" A DT 3 ? ? 1.455 1.518 -0.063 0.010 N 
3 1 "O3'" A DT 3 ? ? P     A DA 4 ? ? 1.682 1.607 0.075  0.012 Y 
4 1 P     A DC 5 ? ? "O5'" A DC 5 ? ? 1.682 1.593 0.089  0.010 N 
5 1 P     A DG 6 ? ? "O5'" A DG 6 ? ? 1.658 1.593 0.065  0.010 N 
# 
loop_
_pdbx_validate_rmsd_angle.id 
_pdbx_validate_rmsd_angle.PDB_model_num 
_pdbx_validate_rmsd_angle.auth_atom_id_1 
_pdbx_validate_rmsd_angle.auth_asym_id_1 
_pdbx_validate_rmsd_angle.auth_comp_id_1 
_pdbx_validate_rmsd_angle.auth_seq_id_1 
_pdbx_validate_rmsd_angle.PDB_ins_code_1 
_pdbx_validate_rmsd_angle.label_alt_id_1 
_pdbx_validate_rmsd_angle.auth_atom_id_2 
_pdbx_validate_rmsd_angle.auth_asym_id_2 
_pdbx_validate_rmsd_angle.auth_comp_id_2 
_pdbx_validate_rmsd_angle.auth_seq_id_2 
_pdbx_validate_rmsd_angle.PDB_ins_code_2 
_pdbx_validate_rmsd_angle.label_alt_id_2 
_pdbx_validate_rmsd_angle.auth_atom_id_3 
_pdbx_validate_rmsd_angle.auth_asym_id_3 
_pdbx_validate_rmsd_angle.auth_comp_id_3 
_pdbx_validate_rmsd_angle.auth_seq_id_3 
_pdbx_validate_rmsd_angle.PDB_ins_code_3 
_pdbx_validate_rmsd_angle.label_alt_id_3 
_pdbx_validate_rmsd_angle.angle_value 
_pdbx_validate_rmsd_angle.angle_target_value 
_pdbx_validate_rmsd_angle.angle_deviation 
_pdbx_validate_rmsd_angle.angle_standard_deviation 
_pdbx_validate_rmsd_angle.linker_flag 
1  1 "O4'" A DC 1 ? ? "C1'" A DC 1 ? ? N1    A DC 1 ? ? 111.29 108.30 2.99  0.30 N 
2  1 C2    A DC 1 ? ? N3    A DC 1 ? ? C4    A DC 1 ? ? 123.41 119.90 3.51  0.50 N 
3  1 N3    A DC 1 ? ? C4    A DC 1 ? ? C5    A DC 1 ? ? 119.09 121.90 -2.81 0.40 N 
4  1 C5    A DC 1 ? ? C6    A DC 1 ? ? N1    A DC 1 ? ? 124.68 121.00 3.68  0.50 N 
5  1 "O5'" A DG 2 ? ? "C5'" A DG 2 ? ? "C4'" A DG 2 ? ? 104.23 109.40 -5.17 0.80 N 
6  1 "C3'" A DG 2 ? ? "C2'" A DG 2 ? ? "C1'" A DG 2 ? ? 97.14  102.40 -5.26 0.80 N 
7  1 C6    A DG 2 ? ? N1    A DG 2 ? ? C2    A DG 2 ? ? 120.89 125.10 -4.21 0.60 N 
8  1 N1    A DG 2 ? ? C2    A DG 2 ? ? N3    A DG 2 ? ? 128.06 123.90 4.16  0.60 N 
9  1 C5    A DG 2 ? ? C6    A DG 2 ? ? N1    A DG 2 ? ? 115.76 111.50 4.26  0.50 N 
10 1 C5    A DG 2 ? ? C6    A DG 2 ? ? O6    A DG 2 ? ? 124.82 128.60 -3.78 0.60 N 
11 1 "C3'" A DG 2 ? ? "O3'" A DG 2 ? ? P     A DT 3 ? ? 128.25 119.70 8.55  1.20 Y 
12 1 "O5'" A DT 3 ? ? "C5'" A DT 3 ? ? "C4'" A DT 3 ? ? 103.21 109.40 -6.19 0.80 N 
13 1 N3    A DT 3 ? ? C4    A DT 3 ? ? C5    A DT 3 ? ? 119.21 115.20 4.01  0.60 N 
14 1 OP1   A DA 4 ? ? P     A DA 4 ? ? OP2   A DA 4 ? ? 132.85 119.60 13.25 1.50 N 
15 1 "O5'" A DA 4 ? ? "C5'" A DA 4 ? ? "C4'" A DA 4 ? ? 103.84 109.40 -5.56 0.80 N 
16 1 "O4'" A DA 4 ? ? "C1'" A DA 4 ? ? N9    A DA 4 ? ? 110.39 108.30 2.09  0.30 N 
17 1 N1    A DA 4 ? ? C2    A DA 4 ? ? N3    A DA 4 ? ? 125.08 129.30 -4.22 0.50 N 
18 1 "C3'" A DA 4 ? ? "O3'" A DA 4 ? ? P     A DC 5 ? ? 127.34 119.70 7.64  1.20 Y 
19 1 "O5'" A DC 5 ? ? "C5'" A DC 5 ? ? "C4'" A DC 5 ? ? 102.42 109.40 -6.98 0.80 N 
20 1 P     A DC 5 ? ? "O5'" A DC 5 ? ? "C5'" A DC 5 ? ? 111.11 120.90 -9.79 1.60 N 
21 1 "C3'" A DC 5 ? ? "C2'" A DC 5 ? ? "C1'" A DC 5 ? ? 96.91  102.40 -5.49 0.80 N 
22 1 "O4'" A DC 5 ? ? "C1'" A DC 5 ? ? N1    A DC 5 ? ? 116.48 108.30 8.18  0.30 N 
23 1 OP1   A DG 6 ? ? P     A DG 6 ? ? OP2   A DG 6 ? ? 128.95 119.60 9.35  1.50 N 
24 1 C6    A DG 6 ? ? N1    A DG 6 ? ? C2    A DG 6 ? ? 121.10 125.10 -4.00 0.60 N 
25 1 N1    A DG 6 ? ? C2    A DG 6 ? ? N3    A DG 6 ? ? 127.91 123.90 4.01  0.60 N 
26 1 N3    A DG 6 ? ? C2    A DG 6 ? ? N2    A DG 6 ? ? 115.19 119.90 -4.71 0.70 N 
27 1 C5    A DG 6 ? ? C6    A DG 6 ? ? O6    A DG 6 ? ? 124.60 128.60 -4.00 0.60 N 
# 
_struct_site_keywords.site_id   'DRUG BINDING SITE' 
_struct_site_keywords.text      INTERCALATION 
# 
loop_
_chem_comp_atom.comp_id 
_chem_comp_atom.atom_id 
_chem_comp_atom.type_symbol 
_chem_comp_atom.pdbx_aromatic_flag 
_chem_comp_atom.pdbx_stereo_config 
_chem_comp_atom.pdbx_ordinal 
DA  OP3    O  N N 1   
DA  P      P  N N 2   
DA  OP1    O  N N 3   
DA  OP2    O  N N 4   
DA  "O5'"  O  N N 5   
DA  "C5'"  C  N N 6   
DA  "C4'"  C  N R 7   
DA  "O4'"  O  N N 8   
DA  "C3'"  C  N S 9   
DA  "O3'"  O  N N 10  
DA  "C2'"  C  N N 11  
DA  "C1'"  C  N R 12  
DA  N9     N  Y N 13  
DA  C8     C  Y N 14  
DA  N7     N  Y N 15  
DA  C5     C  Y N 16  
DA  C6     C  Y N 17  
DA  N6     N  N N 18  
DA  N1     N  Y N 19  
DA  C2     C  Y N 20  
DA  N3     N  Y N 21  
DA  C4     C  Y N 22  
DA  HOP3   H  N N 23  
DA  HOP2   H  N N 24  
DA  "H5'"  H  N N 25  
DA  "H5''" H  N N 26  
DA  "H4'"  H  N N 27  
DA  "H3'"  H  N N 28  
DA  "HO3'" H  N N 29  
DA  "H2'"  H  N N 30  
DA  "H2''" H  N N 31  
DA  "H1'"  H  N N 32  
DA  H8     H  N N 33  
DA  H61    H  N N 34  
DA  H62    H  N N 35  
DA  H2     H  N N 36  
DC  OP3    O  N N 37  
DC  P      P  N N 38  
DC  OP1    O  N N 39  
DC  OP2    O  N N 40  
DC  "O5'"  O  N N 41  
DC  "C5'"  C  N N 42  
DC  "C4'"  C  N R 43  
DC  "O4'"  O  N N 44  
DC  "C3'"  C  N S 45  
DC  "O3'"  O  N N 46  
DC  "C2'"  C  N N 47  
DC  "C1'"  C  N R 48  
DC  N1     N  N N 49  
DC  C2     C  N N 50  
DC  O2     O  N N 51  
DC  N3     N  N N 52  
DC  C4     C  N N 53  
DC  N4     N  N N 54  
DC  C5     C  N N 55  
DC  C6     C  N N 56  
DC  HOP3   H  N N 57  
DC  HOP2   H  N N 58  
DC  "H5'"  H  N N 59  
DC  "H5''" H  N N 60  
DC  "H4'"  H  N N 61  
DC  "H3'"  H  N N 62  
DC  "HO3'" H  N N 63  
DC  "H2'"  H  N N 64  
DC  "H2''" H  N N 65  
DC  "H1'"  H  N N 66  
DC  H41    H  N N 67  
DC  H42    H  N N 68  
DC  H5     H  N N 69  
DC  H6     H  N N 70  
DG  OP3    O  N N 71  
DG  P      P  N N 72  
DG  OP1    O  N N 73  
DG  OP2    O  N N 74  
DG  "O5'"  O  N N 75  
DG  "C5'"  C  N N 76  
DG  "C4'"  C  N R 77  
DG  "O4'"  O  N N 78  
DG  "C3'"  C  N S 79  
DG  "O3'"  O  N N 80  
DG  "C2'"  C  N N 81  
DG  "C1'"  C  N R 82  
DG  N9     N  Y N 83  
DG  C8     C  Y N 84  
DG  N7     N  Y N 85  
DG  C5     C  Y N 86  
DG  C6     C  N N 87  
DG  O6     O  N N 88  
DG  N1     N  N N 89  
DG  C2     C  N N 90  
DG  N2     N  N N 91  
DG  N3     N  N N 92  
DG  C4     C  Y N 93  
DG  HOP3   H  N N 94  
DG  HOP2   H  N N 95  
DG  "H5'"  H  N N 96  
DG  "H5''" H  N N 97  
DG  "H4'"  H  N N 98  
DG  "H3'"  H  N N 99  
DG  "HO3'" H  N N 100 
DG  "H2'"  H  N N 101 
DG  "H2''" H  N N 102 
DG  "H1'"  H  N N 103 
DG  H8     H  N N 104 
DG  H1     H  N N 105 
DG  H21    H  N N 106 
DG  H22    H  N N 107 
DM8 C1     C  Y N 108 
DM8 C2     C  Y N 109 
DM8 C3     C  Y N 110 
DM8 C4     C  Y N 111 
DM8 C5     C  N N 112 
DM8 C6     C  Y N 113 
DM8 C7     C  N S 114 
DM8 C8     C  N N 115 
DM8 C9     C  N S 116 
DM8 C10    C  N N 117 
DM8 C11    C  Y N 118 
DM8 C12    C  N N 119 
DM8 C13    C  N N 120 
DM8 C14    C  N N 121 
DM8 C15    C  Y N 122 
DM8 C16    C  Y N 123 
DM8 C17    C  Y N 124 
DM8 C18    C  Y N 125 
DM8 C19    C  Y N 126 
DM8 C20    C  Y N 127 
DM8 C21    C  N N 128 
DM8 O4     O  N N 129 
DM8 O5     O  N N 130 
DM8 O6     O  N N 131 
DM8 O7     O  N N 132 
DM8 O9     O  N N 133 
DM8 O11    O  N N 134 
DM8 O12    O  N N 135 
DM8 O13    O  N N 136 
DM8 "C1'"  C  N R 137 
DM8 "C2'"  C  N R 138 
DM8 "C3'"  C  N R 139 
DM8 "C4'"  C  N R 140 
DM8 "C5'"  C  N S 141 
DM8 "C6'"  C  N N 142 
DM8 "O5'"  O  N N 143 
DM8 "O4'"  O  N N 144 
DM8 "N3'"  N  N N 145 
DM8 BR     BR N N 146 
DM8 H1     H  N N 147 
DM8 H2     H  N N 148 
DM8 H3     H  N N 149 
DM8 H7     H  N N 150 
DM8 H81    H  N N 151 
DM8 H82    H  N N 152 
DM8 H101   H  N N 153 
DM8 H102   H  N N 154 
DM8 H141   H  N N 155 
DM8 H142   H  N N 156 
DM8 H143   H  N N 157 
DM8 H211   H  N N 158 
DM8 H212   H  N N 159 
DM8 H213   H  N N 160 
DM8 H6     H  N N 161 
DM8 H9     H  N N 162 
DM8 H11    H  N N 163 
DM8 "H1'"  H  N N 164 
DM8 "H2'"  H  N N 165 
DM8 "H3'"  H  N N 166 
DM8 "H4'"  H  N N 167 
DM8 "H5'"  H  N N 168 
DM8 "H6'1" H  N N 169 
DM8 "H6'2" H  N N 170 
DM8 "H6'3" H  N N 171 
DM8 "HO4'" H  N N 172 
DM8 "HN'1" H  N N 173 
DM8 "HN'2" H  N N 174 
DT  OP3    O  N N 175 
DT  P      P  N N 176 
DT  OP1    O  N N 177 
DT  OP2    O  N N 178 
DT  "O5'"  O  N N 179 
DT  "C5'"  C  N N 180 
DT  "C4'"  C  N R 181 
DT  "O4'"  O  N N 182 
DT  "C3'"  C  N S 183 
DT  "O3'"  O  N N 184 
DT  "C2'"  C  N N 185 
DT  "C1'"  C  N R 186 
DT  N1     N  N N 187 
DT  C2     C  N N 188 
DT  O2     O  N N 189 
DT  N3     N  N N 190 
DT  C4     C  N N 191 
DT  O4     O  N N 192 
DT  C5     C  N N 193 
DT  C7     C  N N 194 
DT  C6     C  N N 195 
DT  HOP3   H  N N 196 
DT  HOP2   H  N N 197 
DT  "H5'"  H  N N 198 
DT  "H5''" H  N N 199 
DT  "H4'"  H  N N 200 
DT  "H3'"  H  N N 201 
DT  "HO3'" H  N N 202 
DT  "H2'"  H  N N 203 
DT  "H2''" H  N N 204 
DT  "H1'"  H  N N 205 
DT  H3     H  N N 206 
DT  H71    H  N N 207 
DT  H72    H  N N 208 
DT  H73    H  N N 209 
DT  H6     H  N N 210 
HOH O      O  N N 211 
HOH H1     H  N N 212 
HOH H2     H  N N 213 
# 
loop_
_chem_comp_bond.comp_id 
_chem_comp_bond.atom_id_1 
_chem_comp_bond.atom_id_2 
_chem_comp_bond.value_order 
_chem_comp_bond.pdbx_aromatic_flag 
_chem_comp_bond.pdbx_stereo_config 
_chem_comp_bond.pdbx_ordinal 
DA  OP3   P      sing N N 1   
DA  OP3   HOP3   sing N N 2   
DA  P     OP1    doub N N 3   
DA  P     OP2    sing N N 4   
DA  P     "O5'"  sing N N 5   
DA  OP2   HOP2   sing N N 6   
DA  "O5'" "C5'"  sing N N 7   
DA  "C5'" "C4'"  sing N N 8   
DA  "C5'" "H5'"  sing N N 9   
DA  "C5'" "H5''" sing N N 10  
DA  "C4'" "O4'"  sing N N 11  
DA  "C4'" "C3'"  sing N N 12  
DA  "C4'" "H4'"  sing N N 13  
DA  "O4'" "C1'"  sing N N 14  
DA  "C3'" "O3'"  sing N N 15  
DA  "C3'" "C2'"  sing N N 16  
DA  "C3'" "H3'"  sing N N 17  
DA  "O3'" "HO3'" sing N N 18  
DA  "C2'" "C1'"  sing N N 19  
DA  "C2'" "H2'"  sing N N 20  
DA  "C2'" "H2''" sing N N 21  
DA  "C1'" N9     sing N N 22  
DA  "C1'" "H1'"  sing N N 23  
DA  N9    C8     sing Y N 24  
DA  N9    C4     sing Y N 25  
DA  C8    N7     doub Y N 26  
DA  C8    H8     sing N N 27  
DA  N7    C5     sing Y N 28  
DA  C5    C6     sing Y N 29  
DA  C5    C4     doub Y N 30  
DA  C6    N6     sing N N 31  
DA  C6    N1     doub Y N 32  
DA  N6    H61    sing N N 33  
DA  N6    H62    sing N N 34  
DA  N1    C2     sing Y N 35  
DA  C2    N3     doub Y N 36  
DA  C2    H2     sing N N 37  
DA  N3    C4     sing Y N 38  
DC  OP3   P      sing N N 39  
DC  OP3   HOP3   sing N N 40  
DC  P     OP1    doub N N 41  
DC  P     OP2    sing N N 42  
DC  P     "O5'"  sing N N 43  
DC  OP2   HOP2   sing N N 44  
DC  "O5'" "C5'"  sing N N 45  
DC  "C5'" "C4'"  sing N N 46  
DC  "C5'" "H5'"  sing N N 47  
DC  "C5'" "H5''" sing N N 48  
DC  "C4'" "O4'"  sing N N 49  
DC  "C4'" "C3'"  sing N N 50  
DC  "C4'" "H4'"  sing N N 51  
DC  "O4'" "C1'"  sing N N 52  
DC  "C3'" "O3'"  sing N N 53  
DC  "C3'" "C2'"  sing N N 54  
DC  "C3'" "H3'"  sing N N 55  
DC  "O3'" "HO3'" sing N N 56  
DC  "C2'" "C1'"  sing N N 57  
DC  "C2'" "H2'"  sing N N 58  
DC  "C2'" "H2''" sing N N 59  
DC  "C1'" N1     sing N N 60  
DC  "C1'" "H1'"  sing N N 61  
DC  N1    C2     sing N N 62  
DC  N1    C6     sing N N 63  
DC  C2    O2     doub N N 64  
DC  C2    N3     sing N N 65  
DC  N3    C4     doub N N 66  
DC  C4    N4     sing N N 67  
DC  C4    C5     sing N N 68  
DC  N4    H41    sing N N 69  
DC  N4    H42    sing N N 70  
DC  C5    C6     doub N N 71  
DC  C5    H5     sing N N 72  
DC  C6    H6     sing N N 73  
DG  OP3   P      sing N N 74  
DG  OP3   HOP3   sing N N 75  
DG  P     OP1    doub N N 76  
DG  P     OP2    sing N N 77  
DG  P     "O5'"  sing N N 78  
DG  OP2   HOP2   sing N N 79  
DG  "O5'" "C5'"  sing N N 80  
DG  "C5'" "C4'"  sing N N 81  
DG  "C5'" "H5'"  sing N N 82  
DG  "C5'" "H5''" sing N N 83  
DG  "C4'" "O4'"  sing N N 84  
DG  "C4'" "C3'"  sing N N 85  
DG  "C4'" "H4'"  sing N N 86  
DG  "O4'" "C1'"  sing N N 87  
DG  "C3'" "O3'"  sing N N 88  
DG  "C3'" "C2'"  sing N N 89  
DG  "C3'" "H3'"  sing N N 90  
DG  "O3'" "HO3'" sing N N 91  
DG  "C2'" "C1'"  sing N N 92  
DG  "C2'" "H2'"  sing N N 93  
DG  "C2'" "H2''" sing N N 94  
DG  "C1'" N9     sing N N 95  
DG  "C1'" "H1'"  sing N N 96  
DG  N9    C8     sing Y N 97  
DG  N9    C4     sing Y N 98  
DG  C8    N7     doub Y N 99  
DG  C8    H8     sing N N 100 
DG  N7    C5     sing Y N 101 
DG  C5    C6     sing N N 102 
DG  C5    C4     doub Y N 103 
DG  C6    O6     doub N N 104 
DG  C6    N1     sing N N 105 
DG  N1    C2     sing N N 106 
DG  N1    H1     sing N N 107 
DG  C2    N2     sing N N 108 
DG  C2    N3     doub N N 109 
DG  N2    H21    sing N N 110 
DG  N2    H22    sing N N 111 
DG  N3    C4     sing N N 112 
DM8 C1    C2     doub Y N 113 
DM8 C1    C15    sing Y N 114 
DM8 C1    H1     sing N N 115 
DM8 C2    C3     sing Y N 116 
DM8 C2    H2     sing N N 117 
DM8 C3    C4     doub Y N 118 
DM8 C3    H3     sing N N 119 
DM8 C4    C16    sing Y N 120 
DM8 C4    O4     sing N N 121 
DM8 C5    C16    sing N N 122 
DM8 C5    C17    sing N N 123 
DM8 C5    O5     doub N N 124 
DM8 C6    C17    doub Y N 125 
DM8 C6    C20    sing Y N 126 
DM8 C6    O6     sing N N 127 
DM8 C7    C8     sing N N 128 
DM8 C7    C20    sing N N 129 
DM8 C7    O7     sing N N 130 
DM8 C7    H7     sing N N 131 
DM8 C8    C9     sing N N 132 
DM8 C8    H81    sing N N 133 
DM8 C8    H82    sing N N 134 
DM8 C9    C10    sing N N 135 
DM8 C9    C13    sing N N 136 
DM8 C9    O9     sing N N 137 
DM8 C10   C19    sing N N 138 
DM8 C10   H101   sing N N 139 
DM8 C10   H102   sing N N 140 
DM8 C11   C18    doub Y N 141 
DM8 C11   C19    sing Y N 142 
DM8 C11   O11    sing N N 143 
DM8 C12   C15    sing N N 144 
DM8 C12   C18    sing N N 145 
DM8 C12   O12    doub N N 146 
DM8 C13   C14    sing N N 147 
DM8 C13   O13    doub N N 148 
DM8 C14   H141   sing N N 149 
DM8 C14   H142   sing N N 150 
DM8 C14   H143   sing N N 151 
DM8 C15   C16    doub Y N 152 
DM8 C17   C18    sing Y N 153 
DM8 C19   C20    doub Y N 154 
DM8 C21   O4     sing N N 155 
DM8 C21   H211   sing N N 156 
DM8 C21   H212   sing N N 157 
DM8 C21   H213   sing N N 158 
DM8 O6    H6     sing N N 159 
DM8 O7    "C1'"  sing N N 160 
DM8 O9    H9     sing N N 161 
DM8 O11   H11    sing N N 162 
DM8 "C1'" "C2'"  sing N N 163 
DM8 "C1'" "O5'"  sing N N 164 
DM8 "C1'" "H1'"  sing N N 165 
DM8 "C2'" "C3'"  sing N N 166 
DM8 "C2'" BR     sing N N 167 
DM8 "C2'" "H2'"  sing N N 168 
DM8 "C3'" "C4'"  sing N N 169 
DM8 "C3'" "N3'"  sing N N 170 
DM8 "C3'" "H3'"  sing N N 171 
DM8 "C4'" "C5'"  sing N N 172 
DM8 "C4'" "O4'"  sing N N 173 
DM8 "C4'" "H4'"  sing N N 174 
DM8 "C5'" "C6'"  sing N N 175 
DM8 "C5'" "O5'"  sing N N 176 
DM8 "C5'" "H5'"  sing N N 177 
DM8 "C6'" "H6'1" sing N N 178 
DM8 "C6'" "H6'2" sing N N 179 
DM8 "C6'" "H6'3" sing N N 180 
DM8 "O4'" "HO4'" sing N N 181 
DM8 "N3'" "HN'1" sing N N 182 
DM8 "N3'" "HN'2" sing N N 183 
DT  OP3   P      sing N N 184 
DT  OP3   HOP3   sing N N 185 
DT  P     OP1    doub N N 186 
DT  P     OP2    sing N N 187 
DT  P     "O5'"  sing N N 188 
DT  OP2   HOP2   sing N N 189 
DT  "O5'" "C5'"  sing N N 190 
DT  "C5'" "C4'"  sing N N 191 
DT  "C5'" "H5'"  sing N N 192 
DT  "C5'" "H5''" sing N N 193 
DT  "C4'" "O4'"  sing N N 194 
DT  "C4'" "C3'"  sing N N 195 
DT  "C4'" "H4'"  sing N N 196 
DT  "O4'" "C1'"  sing N N 197 
DT  "C3'" "O3'"  sing N N 198 
DT  "C3'" "C2'"  sing N N 199 
DT  "C3'" "H3'"  sing N N 200 
DT  "O3'" "HO3'" sing N N 201 
DT  "C2'" "C1'"  sing N N 202 
DT  "C2'" "H2'"  sing N N 203 
DT  "C2'" "H2''" sing N N 204 
DT  "C1'" N1     sing N N 205 
DT  "C1'" "H1'"  sing N N 206 
DT  N1    C2     sing N N 207 
DT  N1    C6     sing N N 208 
DT  C2    O2     doub N N 209 
DT  C2    N3     sing N N 210 
DT  N3    C4     sing N N 211 
DT  N3    H3     sing N N 212 
DT  C4    O4     doub N N 213 
DT  C4    C5     sing N N 214 
DT  C5    C7     sing N N 215 
DT  C5    C6     doub N N 216 
DT  C7    H71    sing N N 217 
DT  C7    H72    sing N N 218 
DT  C7    H73    sing N N 219 
DT  C6    H6     sing N N 220 
HOH O     H1     sing N N 221 
HOH O     H2     sing N N 222 
# 
loop_
_ndb_struct_conf_na.entry_id 
_ndb_struct_conf_na.feature 
288D 'double helix'        
288D 'b-form double helix' 
# 
loop_
_ndb_struct_na_base_pair.model_number 
_ndb_struct_na_base_pair.i_label_asym_id 
_ndb_struct_na_base_pair.i_label_comp_id 
_ndb_struct_na_base_pair.i_label_seq_id 
_ndb_struct_na_base_pair.i_symmetry 
_ndb_struct_na_base_pair.j_label_asym_id 
_ndb_struct_na_base_pair.j_label_comp_id 
_ndb_struct_na_base_pair.j_label_seq_id 
_ndb_struct_na_base_pair.j_symmetry 
_ndb_struct_na_base_pair.shear 
_ndb_struct_na_base_pair.stretch 
_ndb_struct_na_base_pair.stagger 
_ndb_struct_na_base_pair.buckle 
_ndb_struct_na_base_pair.propeller 
_ndb_struct_na_base_pair.opening 
_ndb_struct_na_base_pair.pair_number 
_ndb_struct_na_base_pair.pair_name 
_ndb_struct_na_base_pair.i_auth_asym_id 
_ndb_struct_na_base_pair.i_auth_seq_id 
_ndb_struct_na_base_pair.i_PDB_ins_code 
_ndb_struct_na_base_pair.j_auth_asym_id 
_ndb_struct_na_base_pair.j_auth_seq_id 
_ndb_struct_na_base_pair.j_PDB_ins_code 
_ndb_struct_na_base_pair.hbond_type_28 
_ndb_struct_na_base_pair.hbond_type_12 
1 A DC 1 1_555 A DG 6 8_665 0.146  -0.296 -0.157 8.967   2.233  -2.075 1 A_DC1:DG6_A A 1 ? A 6 ? 19 1 
1 A DG 2 1_555 A DC 5 8_665 -0.127 -0.131 -0.188 -16.449 2.227  -0.108 2 A_DG2:DC5_A A 2 ? A 5 ? 19 1 
1 A DT 3 1_555 A DA 4 8_665 -0.184 -0.234 0.099  -6.634  -6.539 3.107  3 A_DT3:DA4_A A 3 ? A 4 ? 20 1 
1 A DA 4 1_555 A DT 3 8_665 0.184  -0.234 0.099  6.634   -6.539 3.107  4 A_DA4:DT3_A A 4 ? A 3 ? 20 1 
1 A DC 5 1_555 A DG 2 8_665 0.127  -0.131 -0.188 16.449  2.227  -0.108 5 A_DC5:DG2_A A 5 ? A 2 ? 19 1 
1 A DG 6 1_555 A DC 1 8_665 -0.146 -0.296 -0.157 -8.967  2.233  -2.075 6 A_DG6:DC1_A A 6 ? A 1 ? 19 1 
# 
loop_
_ndb_struct_na_base_pair_step.model_number 
_ndb_struct_na_base_pair_step.i_label_asym_id_1 
_ndb_struct_na_base_pair_step.i_label_comp_id_1 
_ndb_struct_na_base_pair_step.i_label_seq_id_1 
_ndb_struct_na_base_pair_step.i_symmetry_1 
_ndb_struct_na_base_pair_step.j_label_asym_id_1 
_ndb_struct_na_base_pair_step.j_label_comp_id_1 
_ndb_struct_na_base_pair_step.j_label_seq_id_1 
_ndb_struct_na_base_pair_step.j_symmetry_1 
_ndb_struct_na_base_pair_step.i_label_asym_id_2 
_ndb_struct_na_base_pair_step.i_label_comp_id_2 
_ndb_struct_na_base_pair_step.i_label_seq_id_2 
_ndb_struct_na_base_pair_step.i_symmetry_2 
_ndb_struct_na_base_pair_step.j_label_asym_id_2 
_ndb_struct_na_base_pair_step.j_label_comp_id_2 
_ndb_struct_na_base_pair_step.j_label_seq_id_2 
_ndb_struct_na_base_pair_step.j_symmetry_2 
_ndb_struct_na_base_pair_step.shift 
_ndb_struct_na_base_pair_step.slide 
_ndb_struct_na_base_pair_step.rise 
_ndb_struct_na_base_pair_step.tilt 
_ndb_struct_na_base_pair_step.roll 
_ndb_struct_na_base_pair_step.twist 
_ndb_struct_na_base_pair_step.x_displacement 
_ndb_struct_na_base_pair_step.y_displacement 
_ndb_struct_na_base_pair_step.helical_rise 
_ndb_struct_na_base_pair_step.inclination 
_ndb_struct_na_base_pair_step.tip 
_ndb_struct_na_base_pair_step.helical_twist 
_ndb_struct_na_base_pair_step.step_number 
_ndb_struct_na_base_pair_step.step_name 
_ndb_struct_na_base_pair_step.i_auth_asym_id_1 
_ndb_struct_na_base_pair_step.i_auth_seq_id_1 
_ndb_struct_na_base_pair_step.i_PDB_ins_code_1 
_ndb_struct_na_base_pair_step.j_auth_asym_id_1 
_ndb_struct_na_base_pair_step.j_auth_seq_id_1 
_ndb_struct_na_base_pair_step.j_PDB_ins_code_1 
_ndb_struct_na_base_pair_step.i_auth_asym_id_2 
_ndb_struct_na_base_pair_step.i_auth_seq_id_2 
_ndb_struct_na_base_pair_step.i_PDB_ins_code_2 
_ndb_struct_na_base_pair_step.j_auth_asym_id_2 
_ndb_struct_na_base_pair_step.j_auth_seq_id_2 
_ndb_struct_na_base_pair_step.j_PDB_ins_code_2 
1 A DC 1 1_555 A DG 6 8_665 A DG 2 1_555 A DC 5 8_665 1.129  1.110  7.131 0.105  -2.572 35.142 2.663  -1.831 7.038 -4.252 -0.174 
35.233 1 AA_DC1DG2:DC5DG6_AA A 1 ? A 6 ? A 2 ? A 5 ? 
1 A DG 2 1_555 A DC 5 8_665 A DT 3 1_555 A DA 4 8_665 -0.851 -0.123 3.202 -2.555 -1.379 28.662 0.057  1.146  3.266 -2.777 5.145  
28.806 2 AA_DG2DT3:DA4DC5_AA A 2 ? A 5 ? A 3 ? A 4 ? 
1 A DT 3 1_555 A DA 4 8_665 A DA 4 1_555 A DT 3 8_665 0.000  0.300  3.232 0.000  7.896  36.297 -0.582 0.000  3.224 12.494 0.000  
37.117 3 AA_DT3DA4:DT3DA4_AA A 3 ? A 4 ? A 4 ? A 3 ? 
1 A DA 4 1_555 A DT 3 8_665 A DC 5 1_555 A DG 2 8_665 0.851  -0.123 3.202 2.555  -1.379 28.662 0.057  -1.146 3.266 -2.777 -5.145 
28.806 4 AA_DA4DC5:DG2DT3_AA A 4 ? A 3 ? A 5 ? A 2 ? 
1 A DC 5 1_555 A DG 2 8_665 A DG 6 1_555 A DC 1 8_665 -1.129 1.110  7.131 -0.105 -2.572 35.142 2.663  1.831  7.038 -4.252 0.174  
35.233 5 AA_DC5DG6:DC1DG2_AA A 5 ? A 2 ? A 6 ? A 1 ? 
# 
_atom_sites.entry_id                    288D 
_atom_sites.fract_transf_matrix[1][1]   0.02846433 
_atom_sites.fract_transf_matrix[1][2]   -0.01750850 
_atom_sites.fract_transf_matrix[1][3]   -0.01244754 
_atom_sites.fract_transf_matrix[2][1]   0.00278624 
_atom_sites.fract_transf_matrix[2][2]   0.02349751 
_atom_sites.fract_transf_matrix[2][3]   -0.02667978 
_atom_sites.fract_transf_matrix[3][1]   0.01119367 
_atom_sites.fract_transf_matrix[3][2]   0.01067984 
_atom_sites.fract_transf_matrix[3][3]   0.01057498 
_atom_sites.fract_transf_vector[1]      0.580356 
_atom_sites.fract_transf_vector[2]      0.541804 
_atom_sites.fract_transf_vector[3]      0.209125 
# 
loop_
_atom_type.symbol 
BR 
C  
N  
O  
P  
# 
loop_
_atom_site.group_PDB 
_atom_site.id 
_atom_site.type_symbol 
_atom_site.label_atom_id 
_atom_site.label_alt_id 
_atom_site.label_comp_id 
_atom_site.label_asym_id 
_atom_site.label_entity_id 
_atom_site.label_seq_id 
_atom_site.pdbx_PDB_ins_code 
_atom_site.Cartn_x 
_atom_site.Cartn_y 
_atom_site.Cartn_z 
_atom_site.occupancy 
_atom_site.B_iso_or_equiv 
_atom_site.pdbx_formal_charge 
_atom_site.auth_seq_id 
_atom_site.auth_comp_id 
_atom_site.auth_asym_id 
_atom_site.auth_atom_id 
_atom_site.pdbx_PDB_model_num 
ATOM   1   O  "O5'" . DC  A 1 1 ? 1.973   13.322  5.260   1.00 21.22 ? 1  DC  A "O5'" 1 
ATOM   2   C  "C5'" . DC  A 1 1 ? 2.920   14.376  4.971   1.00 20.66 ? 1  DC  A "C5'" 1 
ATOM   3   C  "C4'" . DC  A 1 1 ? 4.298   13.780  4.766   1.00 20.45 ? 1  DC  A "C4'" 1 
ATOM   4   O  "O4'" . DC  A 1 1 ? 4.835   13.417  6.031   1.00 19.93 ? 1  DC  A "O4'" 1 
ATOM   5   C  "C3'" . DC  A 1 1 ? 4.372   12.510  3.919   1.00 20.62 ? 1  DC  A "C3'" 1 
ATOM   6   O  "O3'" . DC  A 1 1 ? 5.475   12.545  3.000   1.00 21.91 ? 1  DC  A "O3'" 1 
ATOM   7   C  "C2'" . DC  A 1 1 ? 4.559   11.386  4.922   1.00 19.97 ? 1  DC  A "C2'" 1 
ATOM   8   C  "C1'" . DC  A 1 1 ? 5.273   12.062  6.095   1.00 18.78 ? 1  DC  A "C1'" 1 
ATOM   9   N  N1    . DC  A 1 1 ? 4.909   11.441  7.380   1.00 17.68 ? 1  DC  A N1    1 
ATOM   10  C  C2    . DC  A 1 1 ? 5.733   10.411  7.861   1.00 16.93 ? 1  DC  A C2    1 
ATOM   11  O  O2    . DC  A 1 1 ? 6.723   10.077  7.197   1.00 16.68 ? 1  DC  A O2    1 
ATOM   12  N  N3    . DC  A 1 1 ? 5.352   9.792   9.003   1.00 16.46 ? 1  DC  A N3    1 
ATOM   13  C  C4    . DC  A 1 1 ? 4.278   10.164  9.725   1.00 16.21 ? 1  DC  A C4    1 
ATOM   14  N  N4    . DC  A 1 1 ? 3.957   9.546   10.859  1.00 16.06 ? 1  DC  A N4    1 
ATOM   15  C  C5    . DC  A 1 1 ? 3.421   11.198  9.219   1.00 16.55 ? 1  DC  A C5    1 
ATOM   16  C  C6    . DC  A 1 1 ? 3.794   11.772  8.084   1.00 16.98 ? 1  DC  A C6    1 
ATOM   17  P  P     . DG  A 1 2 ? 5.282   12.649  1.369   1.00 26.72 ? 2  DG  A P     1 
ATOM   18  O  OP1   . DG  A 1 2 ? 6.571   13.250  1.014   1.00 24.53 ? 2  DG  A OP1   1 
ATOM   19  O  OP2   . DG  A 1 2 ? 3.919   13.228  1.149   1.00 25.25 ? 2  DG  A OP2   1 
ATOM   20  O  "O5'" . DG  A 1 2 ? 5.326   11.044  1.156   1.00 22.30 ? 2  DG  A "O5'" 1 
ATOM   21  C  "C5'" . DG  A 1 2 ? 6.453   10.272  1.565   1.00 21.19 ? 2  DG  A "C5'" 1 
ATOM   22  C  "C4'" . DG  A 1 2 ? 6.026   8.850   1.344   1.00 21.13 ? 2  DG  A "C4'" 1 
ATOM   23  O  "O4'" . DG  A 1 2 ? 5.171   8.455   2.394   1.00 20.35 ? 2  DG  A "O4'" 1 
ATOM   24  C  "C3'" . DG  A 1 2 ? 5.237   8.610   0.038   1.00 20.97 ? 2  DG  A "C3'" 1 
ATOM   25  O  "O3'" . DG  A 1 2 ? 5.747   7.417   -0.555  1.00 22.58 ? 2  DG  A "O3'" 1 
ATOM   26  C  "C2'" . DG  A 1 2 ? 3.801   8.496   0.511   1.00 20.28 ? 2  DG  A "C2'" 1 
ATOM   27  C  "C1'" . DG  A 1 2 ? 4.081   7.715   1.778   1.00 19.39 ? 2  DG  A "C1'" 1 
ATOM   28  N  N9    . DG  A 1 2 ? 2.947   7.653   2.701   1.00 18.10 ? 2  DG  A N9    1 
ATOM   29  C  C8    . DG  A 1 2 ? 1.922   8.522   2.889   1.00 17.70 ? 2  DG  A C8    1 
ATOM   30  N  N7    . DG  A 1 2 ? 1.078   8.145   3.804   1.00 17.58 ? 2  DG  A N7    1 
ATOM   31  C  C5    . DG  A 1 2 ? 1.599   6.938   4.273   1.00 17.33 ? 2  DG  A C5    1 
ATOM   32  C  C6    . DG  A 1 2 ? 1.166   6.042   5.277   1.00 16.88 ? 2  DG  A C6    1 
ATOM   33  O  O6    . DG  A 1 2 ? 0.162   6.197   5.974   1.00 17.25 ? 2  DG  A O6    1 
ATOM   34  N  N1    . DG  A 1 2 ? 1.981   4.956   5.501   1.00 16.32 ? 2  DG  A N1    1 
ATOM   35  C  C2    . DG  A 1 2 ? 3.090   4.771   4.780   1.00 16.31 ? 2  DG  A C2    1 
ATOM   36  N  N2    . DG  A 1 2 ? 3.803   3.695   5.120   1.00 16.26 ? 2  DG  A N2    1 
ATOM   37  N  N3    . DG  A 1 2 ? 3.588   5.558   3.797   1.00 16.87 ? 2  DG  A N3    1 
ATOM   38  C  C4    . DG  A 1 2 ? 2.770   6.620   3.590   1.00 17.36 ? 2  DG  A C4    1 
ATOM   39  P  P     . DT  A 1 3 ? 5.627   6.934   -2.095  1.00 31.40 ? 3  DT  A P     1 
ATOM   40  O  OP1   . DT  A 1 3 ? 6.525   7.752   -2.926  1.00 30.01 ? 3  DT  A OP1   1 
ATOM   41  O  OP2   . DT  A 1 3 ? 4.152   6.864   -2.487  1.00 28.71 ? 3  DT  A OP2   1 
ATOM   42  O  "O5'" . DT  A 1 3 ? 6.133   5.358   -2.032  1.00 24.97 ? 3  DT  A "O5'" 1 
ATOM   43  C  "C5'" . DT  A 1 3 ? 7.235   4.953   -1.183  1.00 23.34 ? 3  DT  A "C5'" 1 
ATOM   44  C  "C4'" . DT  A 1 3 ? 6.679   3.708   -0.452  1.00 22.68 ? 3  DT  A "C4'" 1 
ATOM   45  O  "O4'" . DT  A 1 3 ? 5.668   4.046   0.447   1.00 21.85 ? 3  DT  A "O4'" 1 
ATOM   46  C  "C3'" . DT  A 1 3 ? 6.062   2.641   -1.360  1.00 22.36 ? 3  DT  A "C3'" 1 
ATOM   47  O  "O3'" . DT  A 1 3 ? 7.021   1.669   -1.762  1.00 22.96 ? 3  DT  A "O3'" 1 
ATOM   48  C  "C2'" . DT  A 1 3 ? 4.996   1.987   -0.478  1.00 21.80 ? 3  DT  A "C2'" 1 
ATOM   49  C  "C1'" . DT  A 1 3 ? 4.905   2.833   0.702   1.00 20.97 ? 3  DT  A "C1'" 1 
ATOM   50  N  N1    . DT  A 1 3 ? 3.529   3.265   1.032   1.00 20.02 ? 3  DT  A N1    1 
ATOM   51  C  C2    . DT  A 1 3 ? 2.934   2.554   2.076   1.00 19.16 ? 3  DT  A C2    1 
ATOM   52  O  O2    . DT  A 1 3 ? 3.488   1.608   2.587   1.00 19.06 ? 3  DT  A O2    1 
ATOM   53  N  N3    . DT  A 1 3 ? 1.717   2.981   2.452   1.00 18.95 ? 3  DT  A N3    1 
ATOM   54  C  C4    . DT  A 1 3 ? 1.076   4.042   1.888   1.00 18.68 ? 3  DT  A C4    1 
ATOM   55  O  O4    . DT  A 1 3 ? -0.049  4.342   2.350   1.00 18.60 ? 3  DT  A O4    1 
ATOM   56  C  C5    . DT  A 1 3 ? 1.689   4.727   0.794   1.00 18.92 ? 3  DT  A C5    1 
ATOM   57  C  C7    . DT  A 1 3 ? 0.987   5.912   0.170   1.00 19.03 ? 3  DT  A C7    1 
ATOM   58  C  C6    . DT  A 1 3 ? 2.920   4.339   0.450   1.00 19.31 ? 3  DT  A C6    1 
ATOM   59  P  P     . DA  A 1 4 ? 6.653   0.410   -2.816  1.00 25.24 ? 4  DA  A P     1 
ATOM   60  O  OP1   . DA  A 1 4 ? 8.102   0.005   -3.070  1.00 26.75 ? 4  DA  A OP1   1 
ATOM   61  O  OP2   . DA  A 1 4 ? 5.589   0.896   -3.692  1.00 24.80 ? 4  DA  A OP2   1 
ATOM   62  O  "O5'" . DA  A 1 4 ? 5.976   -0.645  -1.836  1.00 21.87 ? 4  DA  A "O5'" 1 
ATOM   63  C  "C5'" . DA  A 1 4 ? 6.684   -1.343  -0.784  1.00 20.97 ? 4  DA  A "C5'" 1 
ATOM   64  C  "C4'" . DA  A 1 4 ? 5.671   -2.359  -0.275  1.00 20.75 ? 4  DA  A "C4'" 1 
ATOM   65  O  "O4'" . DA  A 1 4 ? 4.566   -1.776  0.363   1.00 20.30 ? 4  DA  A "O4'" 1 
ATOM   66  C  "C3'" . DA  A 1 4 ? 5.109   -3.242  -1.370  1.00 20.96 ? 4  DA  A "C3'" 1 
ATOM   67  O  "O3'" . DA  A 1 4 ? 5.297   -4.603  -0.922  1.00 22.16 ? 4  DA  A "O3'" 1 
ATOM   68  C  "C2'" . DA  A 1 4 ? 3.647   -2.855  -1.537  1.00 20.41 ? 4  DA  A "C2'" 1 
ATOM   69  C  "C1'" . DA  A 1 4 ? 3.317   -2.217  -0.234  1.00 19.57 ? 4  DA  A "C1'" 1 
ATOM   70  N  N9    . DA  A 1 4 ? 2.391   -1.086  -0.376  1.00 18.74 ? 4  DA  A N9    1 
ATOM   71  C  C8    . DA  A 1 4 ? 2.371   -0.073  -1.285  1.00 18.40 ? 4  DA  A C8    1 
ATOM   72  N  N7    . DA  A 1 4 ? 1.381   0.776   -1.095  1.00 18.21 ? 4  DA  A N7    1 
ATOM   73  C  C5    . DA  A 1 4 ? 0.744   0.299   0.034   1.00 17.88 ? 4  DA  A C5    1 
ATOM   74  C  C6    . DA  A 1 4 ? -0.405  0.749   0.730   1.00 17.69 ? 4  DA  A C6    1 
ATOM   75  N  N6    . DA  A 1 4 ? -1.070  1.826   0.394   1.00 17.44 ? 4  DA  A N6    1 
ATOM   76  N  N1    . DA  A 1 4 ? -0.802  -0.005  1.778   1.00 17.38 ? 4  DA  A N1    1 
ATOM   77  C  C2    . DA  A 1 4 ? -0.146  -1.146  2.142   1.00 17.49 ? 4  DA  A C2    1 
ATOM   78  N  N3    . DA  A 1 4 ? 0.943   -1.637  1.532   1.00 18.00 ? 4  DA  A N3    1 
ATOM   79  C  C4    . DA  A 1 4 ? 1.319   -0.865  0.478   1.00 18.12 ? 4  DA  A C4    1 
ATOM   80  P  P     . DC  A 1 5 ? 5.070   -5.927  -1.755  1.00 27.36 ? 5  DC  A P     1 
ATOM   81  O  OP1   . DC  A 1 5 ? 5.657   -7.025  -0.919  1.00 28.10 ? 5  DC  A OP1   1 
ATOM   82  O  OP2   . DC  A 1 5 ? 5.467   -5.625  -3.153  1.00 27.51 ? 5  DC  A OP2   1 
ATOM   83  O  "O5'" . DC  A 1 5 ? 3.395   -6.055  -1.679  1.00 23.09 ? 5  DC  A "O5'" 1 
ATOM   84  C  "C5'" . DC  A 1 5 ? 2.959   -6.550  -0.358  1.00 21.94 ? 5  DC  A "C5'" 1 
ATOM   85  C  "C4'" . DC  A 1 5 ? 1.443   -6.647  -0.528  1.00 21.74 ? 5  DC  A "C4'" 1 
ATOM   86  O  "O4'" . DC  A 1 5 ? 0.965   -5.287  -0.346  1.00 21.08 ? 5  DC  A "O4'" 1 
ATOM   87  C  "C3'" . DC  A 1 5 ? 0.930   -7.157  -1.854  1.00 21.45 ? 5  DC  A "C3'" 1 
ATOM   88  O  "O3'" . DC  A 1 5 ? -0.205  -7.997  -1.686  1.00 22.46 ? 5  DC  A "O3'" 1 
ATOM   89  C  "C2'" . DC  A 1 5 ? 0.472   -5.895  -2.587  1.00 20.94 ? 5  DC  A "C2'" 1 
ATOM   90  C  "C1'" . DC  A 1 5 ? -0.002  -5.101  -1.318  1.00 20.27 ? 5  DC  A "C1'" 1 
ATOM   91  N  N1    . DC  A 1 5 ? -0.275  -3.711  -1.712  1.00 19.41 ? 5  DC  A N1    1 
ATOM   92  C  C2    . DC  A 1 5 ? -1.257  -3.065  -0.986  1.00 18.79 ? 5  DC  A C2    1 
ATOM   93  O  O2    . DC  A 1 5 ? -1.759  -3.608  0.019   1.00 18.70 ? 5  DC  A O2    1 
ATOM   94  N  N3    . DC  A 1 5 ? -1.648  -1.833  -1.419  1.00 18.28 ? 5  DC  A N3    1 
ATOM   95  C  C4    . DC  A 1 5 ? -1.080  -1.233  -2.474  1.00 18.30 ? 5  DC  A C4    1 
ATOM   96  N  N4    . DC  A 1 5 ? -1.464  -0.028  -2.869  1.00 18.03 ? 5  DC  A N4    1 
ATOM   97  C  C5    . DC  A 1 5 ? -0.065  -1.916  -3.217  1.00 18.87 ? 5  DC  A C5    1 
ATOM   98  C  C6    . DC  A 1 5 ? 0.300   -3.143  -2.820  1.00 18.94 ? 5  DC  A C6    1 
ATOM   99  P  P     . DG  A 1 6 ? -0.136  -9.638  -1.605  1.00 25.68 ? 6  DG  A P     1 
ATOM   100 O  OP1   . DG  A 1 6 ? 0.816   -10.027 -0.527  1.00 27.81 ? 6  DG  A OP1   1 
ATOM   101 O  OP2   . DG  A 1 6 ? -0.003  -9.809  -3.077  1.00 25.69 ? 6  DG  A OP2   1 
ATOM   102 O  "O5'" . DG  A 1 6 ? -1.676  -9.940  -1.070  1.00 21.52 ? 6  DG  A "O5'" 1 
ATOM   103 C  "C5'" . DG  A 1 6 ? -2.153  -9.744  0.241   1.00 19.57 ? 6  DG  A "C5'" 1 
ATOM   104 C  "C4'" . DG  A 1 6 ? -3.574  -10.168 0.376   1.00 19.33 ? 6  DG  A "C4'" 1 
ATOM   105 O  "O4'" . DG  A 1 6 ? -4.498  -9.304  -0.256  1.00 18.54 ? 6  DG  A "O4'" 1 
ATOM   106 C  "C3'" . DG  A 1 6 ? -3.951  -11.566 -0.186  1.00 18.92 ? 6  DG  A "C3'" 1 
ATOM   107 O  "O3'" . DG  A 1 6 ? -4.901  -12.138 0.735   1.00 19.74 ? 6  DG  A "O3'" 1 
ATOM   108 C  "C2'" . DG  A 1 6 ? -4.479  -11.236 -1.559  1.00 18.43 ? 6  DG  A "C2'" 1 
ATOM   109 C  "C1'" . DG  A 1 6 ? -5.223  -9.943  -1.312  1.00 17.34 ? 6  DG  A "C1'" 1 
ATOM   110 N  N9    . DG  A 1 6 ? -5.135  -9.019  -2.442  1.00 16.35 ? 6  DG  A N9    1 
ATOM   111 C  C8    . DG  A 1 6 ? -4.142  -8.943  -3.381  1.00 15.82 ? 6  DG  A C8    1 
ATOM   112 N  N7    . DG  A 1 6 ? -4.307  -7.973  -4.214  1.00 15.66 ? 6  DG  A N7    1 
ATOM   113 C  C5    . DG  A 1 6 ? -5.451  -7.307  -3.751  1.00 15.35 ? 6  DG  A C5    1 
ATOM   114 C  C6    . DG  A 1 6 ? -6.121  -6.174  -4.281  1.00 15.00 ? 6  DG  A C6    1 
ATOM   115 O  O6    . DG  A 1 6 ? -5.758  -5.549  -5.287  1.00 15.10 ? 6  DG  A O6    1 
ATOM   116 N  N1    . DG  A 1 6 ? -7.253  -5.827  -3.566  1.00 14.70 ? 6  DG  A N1    1 
ATOM   117 C  C2    . DG  A 1 6 ? -7.646  -6.542  -2.494  1.00 14.56 ? 6  DG  A C2    1 
ATOM   118 N  N2    . DG  A 1 6 ? -8.726  -6.119  -1.854  1.00 14.57 ? 6  DG  A N2    1 
ATOM   119 N  N3    . DG  A 1 6 ? -7.050  -7.632  -1.959  1.00 14.99 ? 6  DG  A N3    1 
ATOM   120 C  C4    . DG  A 1 6 ? -5.977  -7.943  -2.675  1.00 15.42 ? 6  DG  A C4    1 
HETATM 121 C  C1    . DM8 B 2 . ? -4.144  -0.925  -5.311  1.00 17.12 ? 7  DM8 A C1    1 
HETATM 122 C  C2    . DM8 B 2 . ? -3.141  -0.977  -6.263  1.00 17.48 ? 7  DM8 A C2    1 
HETATM 123 C  C3    . DM8 B 2 . ? -2.153  -2.064  -6.305  1.00 17.54 ? 7  DM8 A C3    1 
HETATM 124 C  C4    . DM8 B 2 . ? -2.272  -3.118  -5.304  1.00 17.31 ? 7  DM8 A C4    1 
HETATM 125 C  C5    . DM8 B 2 . ? -3.447  -4.060  -3.317  1.00 16.57 ? 7  DM8 A C5    1 
HETATM 126 C  C6    . DM8 B 2 . ? -4.625  -4.861  -1.309  1.00 16.56 ? 7  DM8 A C6    1 
HETATM 127 C  C7    . DM8 B 2 . ? -5.872  -5.722  0.738   1.00 17.93 ? 7  DM8 A C7    1 
HETATM 128 C  C8    . DM8 B 2 . ? -7.036  -5.521  1.626   1.00 17.79 ? 7  DM8 A C8    1 
HETATM 129 C  C9    . DM8 B 2 . ? -7.523  -4.122  1.806   1.00 17.98 ? 7  DM8 A C9    1 
HETATM 130 C  C10   . DM8 B 2 . ? -7.727  -3.368  0.447   1.00 17.21 ? 7  DM8 A C10   1 
HETATM 131 C  C11   . DM8 B 2 . ? -6.440  -2.700  -1.476  1.00 16.48 ? 7  DM8 A C11   1 
HETATM 132 C  C12   . DM8 B 2 . ? -5.282  -1.769  -3.433  1.00 16.38 ? 7  DM8 A C12   1 
HETATM 133 C  C13   . DM8 B 2 . ? -8.850  -4.107  2.535   1.00 18.43 ? 7  DM8 A C13   1 
HETATM 134 C  C14   . DM8 B 2 . ? -8.694  -4.102  3.850   1.00 18.72 ? 7  DM8 A C14   1 
HETATM 135 C  C15   . DM8 B 2 . ? -4.197  -1.961  -4.359  1.00 16.74 ? 7  DM8 A C15   1 
HETATM 136 C  C16   . DM8 B 2 . ? -3.317  -2.997  -4.377  1.00 16.95 ? 7  DM8 A C16   1 
HETATM 137 C  C17   . DM8 B 2 . ? -4.503  -3.894  -2.310  1.00 16.47 ? 7  DM8 A C17   1 
HETATM 138 C  C18   . DM8 B 2 . ? -5.453  -2.765  -2.416  1.00 16.23 ? 7  DM8 A C18   1 
HETATM 139 C  C19   . DM8 B 2 . ? -6.624  -3.616  -0.431  1.00 16.77 ? 7  DM8 A C19   1 
HETATM 140 C  C20   . DM8 B 2 . ? -5.716  -4.663  -0.419  1.00 16.97 ? 7  DM8 A C20   1 
HETATM 141 C  C21   . DM8 B 2 . ? -0.318  -4.426  -6.089  1.00 17.97 ? 7  DM8 A C21   1 
HETATM 142 O  O4    . DM8 B 2 . ? -1.403  -4.130  -5.268  1.00 17.73 ? 7  DM8 A O4    1 
HETATM 143 O  O5    . DM8 B 2 . ? -2.708  -5.052  -3.202  1.00 16.99 ? 7  DM8 A O5    1 
HETATM 144 O  O6    . DM8 B 2 . ? -3.830  -5.878  -1.199  1.00 16.77 ? 7  DM8 A O6    1 
HETATM 145 O  O7    . DM8 B 2 . ? -4.593  -5.495  1.416   1.00 19.44 ? 7  DM8 A O7    1 
HETATM 146 O  O9    . DM8 B 2 . ? -6.623  -3.298  2.641   1.00 17.90 ? 7  DM8 A O9    1 
HETATM 147 O  O11   . DM8 B 2 . ? -7.302  -1.591  -1.579  1.00 16.87 ? 7  DM8 A O11   1 
HETATM 148 O  O12   . DM8 B 2 . ? -6.040  -0.782  -3.590  1.00 16.78 ? 7  DM8 A O12   1 
HETATM 149 O  O13   . DM8 B 2 . ? -10.229 -3.979  2.020   1.00 20.10 ? 7  DM8 A O13   1 
HETATM 150 C  "C1'" . DM8 B 2 . ? -3.857  -6.550  1.940   1.00 21.67 ? 7  DM8 A "C1'" 1 
HETATM 151 C  "C2'" . DM8 B 2 . ? -2.498  -6.023  2.474   1.00 22.22 ? 7  DM8 A "C2'" 1 
HETATM 152 C  "C3'" . DM8 B 2 . ? -2.755  -5.108  3.628   1.00 22.86 ? 7  DM8 A "C3'" 1 
HETATM 153 C  "C4'" . DM8 B 2 . ? -3.509  -5.839  4.787   1.00 22.50 ? 7  DM8 A "C4'" 1 
HETATM 154 C  "C5'" . DM8 B 2 . ? -4.941  -6.193  4.229   1.00 22.39 ? 7  DM8 A "C5'" 1 
HETATM 155 C  "C6'" . DM8 B 2 . ? -5.780  -7.036  5.183   1.00 22.38 ? 7  DM8 A "C6'" 1 
HETATM 156 O  "O5'" . DM8 B 2 . ? -4.688  -7.111  3.054   1.00 21.87 ? 7  DM8 A "O5'" 1 
HETATM 157 O  "O4'" . DM8 B 2 . ? -3.630  -4.949  5.926   1.00 22.88 ? 7  DM8 A "O4'" 1 
HETATM 158 N  "N3'" . DM8 B 2 . ? -1.438  -4.519  4.221   1.00 22.68 ? 7  DM8 A "N3'" 1 
HETATM 159 BR BR    . DM8 B 2 . ? -1.417  -7.463  2.747   1.00 25.34 ? 7  DM8 A BR    1 
HETATM 160 O  O     . HOH C 3 . ? -2.203  6.461   1.869   1.00 42.88 ? 8  HOH A O     1 
HETATM 161 O  O     . HOH C 3 . ? 0.730   2.972   -2.490  1.00 25.43 ? 9  HOH A O     1 
HETATM 162 O  O     . HOH C 3 . ? 2.381   -6.246  3.871   1.00 57.17 ? 10 HOH A O     1 
HETATM 163 O  O     . HOH C 3 . ? 0.679   -4.281  2.203   1.00 26.09 ? 11 HOH A O     1 
HETATM 164 O  O     . HOH C 3 . ? 3.383   -0.594  -4.704  1.00 42.93 ? 12 HOH A O     1 
HETATM 165 O  O     . HOH C 3 . ? -0.167  1.053   -4.776  1.00 43.65 ? 13 HOH A O     1 
HETATM 166 O  O     . HOH C 3 . ? 1.676   11.685  1.452   1.00 35.04 ? 14 HOH A O     1 
HETATM 167 O  O     . HOH C 3 . ? 2.983   -4.679  -4.779  1.00 37.40 ? 15 HOH A O     1 
HETATM 168 O  O     . HOH C 3 . ? -5.882  3.844   -2.792  1.00 50.74 ? 16 HOH A O     1 
HETATM 169 O  O     . HOH C 3 . ? -6.271  -9.586  2.624   1.00 41.77 ? 17 HOH A O     1 
HETATM 170 O  O     . HOH C 3 . ? -6.067  6.369   -10.254 1.00 40.13 ? 18 HOH A O     1 
HETATM 171 O  O     . HOH C 3 . ? -2.048  -7.104  -5.459  1.00 35.44 ? 19 HOH A O     1 
HETATM 172 O  O     . HOH C 3 . ? -9.036  2.301   -6.984  1.00 56.61 ? 20 HOH A O     1 
HETATM 173 O  O     . HOH C 3 . ? -8.397  -8.844  0.303   1.00 30.87 ? 21 HOH A O     1 
HETATM 174 O  O     . HOH C 3 . ? -11.641 -3.776  -0.377  1.00 32.72 ? 22 HOH A O     1 
HETATM 175 O  O     . HOH C 3 . ? -4.112  -5.850  -7.179  1.00 36.23 ? 23 HOH A O     1 
HETATM 176 O  O     . HOH C 3 . ? 1.560   10.857  12.274  1.00 48.36 ? 24 HOH A O     1 
HETATM 177 O  O     . HOH C 3 . ? 8.511   -2.804  -3.672  1.00 39.87 ? 25 HOH A O     1 
HETATM 178 O  O     . HOH C 3 . ? -10.573 -7.420  0.177   1.00 49.25 ? 26 HOH A O     1 
HETATM 179 O  O     . HOH C 3 . ? 1.204   -5.107  7.314   1.00 48.16 ? 27 HOH A O     1 
HETATM 180 O  O     . HOH C 3 . ? -3.465  6.253   4.512   1.00 44.77 ? 28 HOH A O     1 
HETATM 181 O  O     . HOH C 3 . ? -1.471  -6.781  7.893   1.00 60.91 ? 29 HOH A O     1 
HETATM 182 O  O     . HOH C 3 . ? -11.950 5.843   3.407   1.00 52.34 ? 30 HOH A O     1 
HETATM 183 O  O     . HOH C 3 . ? 8.638   8.003   -1.462  1.00 38.36 ? 31 HOH A O     1 
HETATM 184 O  O     . HOH C 3 . ? -3.166  -12.434 3.321   1.00 52.49 ? 32 HOH A O     1 
HETATM 185 O  O     . HOH C 3 . ? -7.398  1.964   -3.923  1.00 55.10 ? 33 HOH A O     1 
HETATM 186 O  O     . HOH C 3 . ? -2.383  1.061   -9.266  1.00 49.63 ? 34 HOH A O     1 
HETATM 187 O  O     . HOH C 3 . ? 12.636  5.679   1.381   1.00 61.01 ? 35 HOH A O     1 
HETATM 188 O  O     . HOH C 3 . ? 3.682   -9.813  -3.048  1.00 56.67 ? 36 HOH A O     1 
HETATM 189 O  O     . HOH C 3 . ? 9.724   -10.149 -1.387  1.00 62.66 ? 37 HOH A O     1 
HETATM 190 O  O     . HOH C 3 . ? 1.093   -9.305  -6.949  1.00 64.85 ? 38 HOH A O     1 
HETATM 191 O  O     . HOH C 3 . ? 4.382   3.275   -4.544  1.00 53.00 ? 39 HOH A O     1 
HETATM 192 O  O     . HOH C 3 . ? 2.323   -2.205  -7.431  1.00 39.91 ? 40 HOH A O     1 
HETATM 193 O  O     . HOH C 3 . ? 6.725   12.755  -5.650  1.00 66.57 ? 41 HOH A O     1 
HETATM 194 O  O     . HOH C 3 . ? 2.914   -4.740  -7.765  1.00 63.66 ? 42 HOH A O     1 
HETATM 195 O  O     . HOH C 3 . ? -2.336  4.125   -5.299  1.00 67.99 ? 43 HOH A O     1 
HETATM 196 O  O     . HOH C 3 . ? -12.424 5.891   -1.810  1.00 45.04 ? 44 HOH A O     1 
HETATM 197 O  O     . HOH C 3 . ? 6.609   -6.052  -5.933  1.00 66.52 ? 45 HOH A O     1 
HETATM 198 O  O     . HOH C 3 . ? -13.361 -4.116  3.631   1.00 57.98 ? 46 HOH A O     1 
HETATM 199 O  O     . HOH C 3 . ? 7.096   15.862  1.341   1.00 57.21 ? 47 HOH A O     1 
HETATM 200 O  O     . HOH C 3 . ? 0.891   7.675   -3.709  1.00 63.81 ? 48 HOH A O     1 
HETATM 201 O  O     . HOH C 3 . ? 9.389   0.042   -0.373  1.00 47.93 ? 49 HOH A O     1 
HETATM 202 O  O     . HOH C 3 . ? 9.648   13.742  -1.103  1.00 50.40 ? 50 HOH A O     1 
HETATM 203 O  O     . HOH C 3 . ? 0.162   -6.412  -8.562  1.00 50.91 ? 51 HOH A O     1 
HETATM 204 O  O     . HOH C 3 . ? -10.393 9.380   3.293   1.00 49.40 ? 52 HOH A O     1 
HETATM 205 O  O     . HOH C 3 . ? -15.489 3.779   3.214   1.00 48.06 ? 53 HOH A O     1 
# 
